data_9O4L
#
_entry.id   9O4L
#
_cell.length_a   65.592
_cell.length_b   74.805
_cell.length_c   77.887
_cell.angle_alpha   90.00
_cell.angle_beta   90.00
_cell.angle_gamma   90.00
#
_symmetry.space_group_name_H-M   'P 21 21 21'
#
loop_
_entity.id
_entity.type
_entity.pdbx_description
1 polymer 'Mitogen-activated protein kinase 14'
2 non-polymer 4-[3-(4-FLUOROPHENYL)-1H-PYRAZOL-4-YL]PYRIDINE
3 non-polymer 6-(4-methylpiperazin-1-yl)-3-phenyl-4-(pyridin-4-yl)pyridazine
4 water water
#
_entity_poly.entity_id   1
_entity_poly.type   'polypeptide(L)'
_entity_poly.pdbx_seq_one_letter_code
;MHHHHHHSSGVDLGTENLYFQSNAMSQERPTFYRQELNKTIWEVPERYQNLSPVGSGAYGSVCAAFDTKTGLRVAVKKLS
RPFQSIIHAKRTYRELRLLKHMKHENVIGLLDVFTPARSLEEFNDVYLVTHLMGADLNNIVKCQKLTDDHVQFLIYQILR
GLKYIHSADIIHRDLKPSNLAVNEDCELKILDFGLARHTDDEMTGYVATRWYRAPEIMLNWMHYNQTVDIWSVGCIMAEL
LTGRTLFPGTDHIDQLKLILRLVGTPGAELLKKISSESARNYIQSLTQMPKMNFANVFIGANPLAVDLLEKMLVLDSDKR
ITAAQALAHAYFAQYHDPDDEPVADPYDQSFESRDLLIDEWKSLTYDEVISFVPPPLDQEEMES
;
_entity_poly.pdbx_strand_id   A
#
loop_
_chem_comp.id
_chem_comp.type
_chem_comp.name
_chem_comp.formula
A1B8B non-polymer 6-(4-methylpiperazin-1-yl)-3-phenyl-4-(pyridin-4-yl)pyridazine 'C20 H21 N5'
GG5 non-polymer 4-[3-(4-FLUOROPHENYL)-1H-PYRAZOL-4-YL]PYRIDINE 'C14 H10 F N3'
#
# COMPACT_ATOMS: atom_id res chain seq x y z
N ARG A 29 12.38 -31.16 -6.22
CA ARG A 29 11.13 -30.68 -5.64
C ARG A 29 11.07 -31.01 -4.15
N PRO A 30 10.54 -30.08 -3.35
CA PRO A 30 10.35 -30.36 -1.92
C PRO A 30 9.16 -31.29 -1.69
N THR A 31 9.04 -31.74 -0.44
CA THR A 31 7.96 -32.61 -0.01
C THR A 31 6.93 -31.79 0.77
N PHE A 32 5.66 -32.05 0.49
CA PHE A 32 4.56 -31.27 1.04
C PHE A 32 3.78 -32.07 2.07
N TYR A 33 3.09 -31.35 2.96
CA TYR A 33 2.18 -31.96 3.92
C TYR A 33 0.91 -31.13 3.98
N ARG A 34 -0.17 -31.79 4.39
CA ARG A 34 -1.53 -31.29 4.21
C ARG A 34 -2.24 -31.14 5.54
N GLN A 35 -3.01 -30.06 5.67
CA GLN A 35 -3.82 -29.85 6.87
C GLN A 35 -4.88 -28.80 6.56
N GLU A 36 -6.02 -28.92 7.22
CA GLU A 36 -7.11 -27.96 7.11
C GLU A 36 -7.02 -26.95 8.25
N LEU A 37 -6.98 -25.66 7.89
CA LEU A 37 -6.90 -24.58 8.86
C LEU A 37 -8.04 -23.60 8.58
N ASN A 38 -9.07 -23.62 9.44
CA ASN A 38 -10.22 -22.74 9.31
C ASN A 38 -10.86 -22.90 7.93
N LYS A 39 -11.48 -24.07 7.75
CA LYS A 39 -12.19 -24.42 6.52
C LYS A 39 -11.23 -24.59 5.34
N THR A 40 -10.37 -23.60 5.10
CA THR A 40 -9.42 -23.69 4.01
C THR A 40 -8.39 -24.78 4.29
N ILE A 41 -7.96 -25.46 3.22
CA ILE A 41 -6.93 -26.49 3.30
C ILE A 41 -5.60 -25.89 2.88
N TRP A 42 -4.51 -26.44 3.41
CA TRP A 42 -3.17 -25.93 3.14
C TRP A 42 -2.24 -27.08 2.78
N GLU A 43 -1.52 -26.93 1.67
CA GLU A 43 -0.52 -27.90 1.22
C GLU A 43 0.77 -27.15 1.00
N VAL A 44 1.75 -27.35 1.88
CA VAL A 44 2.97 -26.55 1.89
C VAL A 44 4.17 -27.44 2.11
N PRO A 45 5.37 -26.96 1.75
CA PRO A 45 6.58 -27.74 1.99
C PRO A 45 6.81 -28.01 3.47
N GLU A 46 7.52 -29.10 3.77
CA GLU A 46 7.84 -29.40 5.15
C GLU A 46 8.59 -28.26 5.81
N ARG A 47 9.36 -27.49 5.03
CA ARG A 47 10.21 -26.46 5.63
C ARG A 47 9.42 -25.47 6.46
N TYR A 48 8.13 -25.31 6.18
CA TYR A 48 7.27 -24.38 6.91
C TYR A 48 6.46 -25.17 7.94
N GLN A 49 6.67 -24.86 9.22
CA GLN A 49 6.08 -25.60 10.32
C GLN A 49 5.22 -24.68 11.18
N ASN A 50 4.42 -25.30 12.04
CA ASN A 50 3.61 -24.61 13.03
C ASN A 50 2.79 -23.49 12.39
N LEU A 51 1.97 -23.88 11.43
CA LEU A 51 1.10 -22.91 10.76
C LEU A 51 0.00 -22.46 11.71
N SER A 52 -0.24 -21.15 11.75
CA SER A 52 -1.23 -20.56 12.66
C SER A 52 -1.92 -19.39 11.98
N PRO A 53 -3.22 -19.50 11.69
CA PRO A 53 -3.88 -18.43 10.91
C PRO A 53 -3.77 -17.08 11.60
N VAL A 54 -3.56 -16.05 10.79
CA VAL A 54 -3.39 -14.69 11.30
C VAL A 54 -4.53 -13.77 10.88
N GLY A 55 -5.34 -14.15 9.91
CA GLY A 55 -6.39 -13.31 9.41
C GLY A 55 -6.77 -13.70 8.00
N SER A 56 -7.96 -13.29 7.60
CA SER A 56 -8.46 -13.65 6.26
C SER A 56 -9.22 -12.47 5.67
N GLY A 57 -9.70 -12.61 4.45
CA GLY A 57 -10.42 -11.57 3.74
C GLY A 57 -10.67 -11.99 2.31
N ALA A 58 -10.87 -10.99 1.44
CA ALA A 58 -11.05 -11.26 0.03
C ALA A 58 -9.74 -11.60 -0.68
N TYR A 59 -8.61 -11.20 -0.09
CA TYR A 59 -7.30 -11.54 -0.66
C TYR A 59 -7.01 -13.03 -0.56
N GLY A 60 -7.29 -13.62 0.59
CA GLY A 60 -6.95 -15.01 0.84
C GLY A 60 -6.63 -15.20 2.31
N SER A 61 -6.28 -16.43 2.65
CA SER A 61 -5.94 -16.78 4.01
C SER A 61 -4.43 -16.62 4.22
N VAL A 62 -4.06 -16.06 5.36
CA VAL A 62 -2.65 -15.89 5.73
C VAL A 62 -2.41 -16.69 7.00
N CYS A 63 -1.31 -17.43 7.01
CA CYS A 63 -0.88 -18.19 8.19
C CYS A 63 0.51 -17.72 8.59
N ALA A 64 0.71 -17.56 9.89
CA ALA A 64 2.05 -17.43 10.44
C ALA A 64 2.68 -18.81 10.50
N ALA A 65 3.97 -18.89 10.22
CA ALA A 65 4.66 -20.17 10.24
C ALA A 65 6.12 -19.95 10.59
N PHE A 66 6.78 -21.03 10.97
CA PHE A 66 8.21 -21.05 11.24
C PHE A 66 8.92 -21.74 10.08
N ASP A 67 9.96 -21.10 9.56
CA ASP A 67 10.69 -21.58 8.39
C ASP A 67 11.96 -22.29 8.86
N THR A 68 12.00 -23.61 8.70
CA THR A 68 13.12 -24.38 9.22
C THR A 68 14.42 -24.09 8.48
N LYS A 69 14.33 -23.68 7.21
CA LYS A 69 15.54 -23.48 6.43
C LYS A 69 16.30 -22.24 6.88
N THR A 70 15.59 -21.14 7.16
CA THR A 70 16.23 -19.90 7.56
C THR A 70 16.14 -19.64 9.06
N GLY A 71 15.20 -20.27 9.76
CA GLY A 71 14.99 -19.95 11.15
C GLY A 71 14.13 -18.73 11.39
N LEU A 72 13.42 -18.26 10.38
CA LEU A 72 12.63 -17.04 10.46
C LEU A 72 11.15 -17.37 10.59
N ARG A 73 10.45 -16.57 11.39
CA ARG A 73 8.99 -16.57 11.35
C ARG A 73 8.53 -15.90 10.06
N VAL A 74 7.61 -16.57 9.34
CA VAL A 74 7.15 -16.08 8.05
C VAL A 74 5.63 -16.04 8.03
N ALA A 75 5.10 -15.28 7.09
CA ALA A 75 3.68 -15.25 6.78
C ALA A 75 3.47 -15.96 5.45
N VAL A 76 2.55 -16.92 5.43
CA VAL A 76 2.23 -17.69 4.25
C VAL A 76 0.79 -17.36 3.86
N LYS A 77 0.62 -16.79 2.67
CA LYS A 77 -0.70 -16.45 2.15
C LYS A 77 -1.08 -17.42 1.04
N LYS A 78 -2.26 -18.02 1.16
CA LYS A 78 -2.85 -18.84 0.10
C LYS A 78 -3.87 -17.99 -0.63
N LEU A 79 -3.65 -17.79 -1.93
CA LEU A 79 -4.57 -17.00 -2.72
C LEU A 79 -5.92 -17.71 -2.84
N SER A 80 -6.99 -16.94 -2.73
CA SER A 80 -8.35 -17.47 -2.84
C SER A 80 -8.82 -17.39 -4.29
N ARG A 81 -9.23 -18.53 -4.84
CA ARG A 81 -9.76 -18.65 -6.19
C ARG A 81 -8.86 -17.87 -7.17
N PRO A 82 -7.57 -18.19 -7.23
CA PRO A 82 -6.65 -17.36 -8.03
C PRO A 82 -6.98 -17.30 -9.51
N PHE A 83 -7.61 -18.35 -10.06
CA PHE A 83 -7.91 -18.43 -11.51
C PHE A 83 -9.39 -18.68 -11.71
N GLN A 84 -10.23 -18.02 -10.92
CA GLN A 84 -11.70 -18.19 -10.99
C GLN A 84 -12.23 -17.51 -12.26
N SER A 85 -11.68 -16.36 -12.62
CA SER A 85 -12.11 -15.59 -13.81
C SER A 85 -10.90 -14.95 -14.47
N ILE A 86 -11.07 -14.18 -15.54
CA ILE A 86 -9.99 -13.40 -16.14
C ILE A 86 -9.54 -12.31 -15.18
N ILE A 87 -10.47 -11.71 -14.44
CA ILE A 87 -10.12 -10.69 -13.47
C ILE A 87 -9.24 -11.29 -12.38
N HIS A 88 -9.68 -12.40 -11.78
CA HIS A 88 -8.89 -13.05 -10.74
C HIS A 88 -7.54 -13.50 -11.28
N ALA A 89 -7.54 -14.09 -12.49
CA ALA A 89 -6.30 -14.61 -13.05
C ALA A 89 -5.30 -13.49 -13.30
N LYS A 90 -5.74 -12.40 -13.92
CA LYS A 90 -4.87 -11.25 -14.11
C LYS A 90 -4.41 -10.69 -12.77
N ARG A 91 -5.32 -10.59 -11.81
CA ARG A 91 -4.98 -10.08 -10.49
C ARG A 91 -3.91 -10.95 -9.83
N THR A 92 -4.07 -12.28 -9.91
CA THR A 92 -3.06 -13.17 -9.35
C THR A 92 -1.71 -12.97 -10.04
N TYR A 93 -1.72 -12.81 -11.35
CA TYR A 93 -0.48 -12.56 -12.07
C TYR A 93 0.13 -11.24 -11.68
N ARG A 94 -0.70 -10.19 -11.59
CA ARG A 94 -0.20 -8.88 -11.22
C ARG A 94 0.47 -8.89 -9.86
N GLU A 95 -0.19 -9.52 -8.87
CA GLU A 95 0.36 -9.52 -7.53
C GLU A 95 1.72 -10.24 -7.49
N LEU A 96 1.81 -11.40 -8.15
CA LEU A 96 3.07 -12.14 -8.13
C LEU A 96 4.17 -11.34 -8.81
N ARG A 97 3.89 -10.82 -10.01
CA ARG A 97 4.86 -9.99 -10.70
C ARG A 97 5.27 -8.81 -9.84
N LEU A 98 4.30 -8.20 -9.16
CA LEU A 98 4.57 -7.03 -8.34
C LEU A 98 5.44 -7.39 -7.14
N LEU A 99 5.13 -8.50 -6.46
CA LEU A 99 5.89 -8.88 -5.28
C LEU A 99 7.28 -9.39 -5.64
N LYS A 100 7.41 -10.07 -6.78
CA LYS A 100 8.73 -10.52 -7.20
C LYS A 100 9.66 -9.37 -7.51
N HIS A 101 9.12 -8.17 -7.78
CA HIS A 101 9.93 -7.02 -8.22
C HIS A 101 10.41 -6.16 -7.04
N MET A 102 9.70 -6.19 -5.89
CA MET A 102 10.01 -5.30 -4.75
C MET A 102 11.14 -5.87 -3.88
N LYS A 103 12.33 -5.26 -3.90
CA LYS A 103 13.45 -5.63 -3.05
C LYS A 103 13.85 -4.34 -2.33
N HIS A 104 13.17 -4.06 -1.21
CA HIS A 104 13.35 -2.81 -0.50
C HIS A 104 12.91 -2.99 0.95
N GLU A 105 13.70 -2.41 1.86
CA GLU A 105 13.50 -2.63 3.29
C GLU A 105 12.12 -2.20 3.77
N ASN A 106 11.46 -1.29 3.05
CA ASN A 106 10.18 -0.73 3.48
C ASN A 106 9.03 -1.17 2.59
N VAL A 107 9.20 -2.25 1.85
CA VAL A 107 8.15 -2.78 0.98
C VAL A 107 8.12 -4.29 1.14
N ILE A 108 6.92 -4.86 1.24
CA ILE A 108 6.78 -6.32 1.34
C ILE A 108 7.41 -6.95 0.10
N GLY A 109 8.26 -7.95 0.32
CA GLY A 109 8.89 -8.67 -0.76
C GLY A 109 8.70 -10.17 -0.59
N LEU A 110 9.09 -10.91 -1.62
CA LEU A 110 8.87 -12.34 -1.67
C LEU A 110 10.09 -13.07 -1.14
N LEU A 111 9.90 -13.86 -0.09
CA LEU A 111 10.91 -14.84 0.33
C LEU A 111 10.76 -16.15 -0.41
N ASP A 112 9.54 -16.52 -0.80
CA ASP A 112 9.28 -17.78 -1.47
C ASP A 112 7.90 -17.73 -2.10
N VAL A 113 7.75 -18.41 -3.23
CA VAL A 113 6.47 -18.62 -3.89
C VAL A 113 6.44 -20.08 -4.37
N PHE A 114 5.33 -20.77 -4.11
CA PHE A 114 5.26 -22.17 -4.43
C PHE A 114 3.82 -22.58 -4.72
N THR A 115 3.69 -23.76 -5.31
CA THR A 115 2.41 -24.44 -5.52
C THR A 115 2.66 -25.92 -5.29
N PRO A 116 1.65 -26.65 -4.78
CA PRO A 116 1.80 -28.11 -4.68
C PRO A 116 1.73 -28.80 -6.03
N ALA A 117 1.32 -28.10 -7.08
CA ALA A 117 1.16 -28.72 -8.39
C ALA A 117 2.51 -29.09 -8.99
N ARG A 118 2.54 -30.25 -9.64
CA ARG A 118 3.74 -30.73 -10.32
C ARG A 118 3.77 -30.38 -11.80
N SER A 119 2.64 -29.97 -12.39
CA SER A 119 2.56 -29.62 -13.79
C SER A 119 1.59 -28.46 -13.97
N LEU A 120 1.57 -27.92 -15.19
CA LEU A 120 0.66 -26.81 -15.49
C LEU A 120 -0.80 -27.27 -15.42
N GLU A 121 -1.08 -28.49 -15.88
CA GLU A 121 -2.45 -29.00 -15.87
C GLU A 121 -3.05 -28.92 -14.47
N GLU A 122 -2.30 -29.37 -13.47
CA GLU A 122 -2.78 -29.42 -12.10
C GLU A 122 -2.45 -28.17 -11.31
N PHE A 123 -2.10 -27.08 -11.99
CA PHE A 123 -1.79 -25.81 -11.32
C PHE A 123 -3.08 -25.08 -10.99
N ASN A 124 -3.41 -24.97 -9.69
CA ASN A 124 -4.66 -24.33 -9.25
C ASN A 124 -4.47 -23.47 -7.99
N ASP A 125 -3.36 -23.63 -7.23
CA ASP A 125 -3.17 -22.90 -5.99
C ASP A 125 -1.82 -22.22 -5.97
N VAL A 126 -1.80 -21.00 -5.45
CA VAL A 126 -0.58 -20.19 -5.36
C VAL A 126 -0.37 -19.80 -3.90
N TYR A 127 0.84 -20.01 -3.39
CA TYR A 127 1.20 -19.65 -2.03
C TYR A 127 2.32 -18.62 -2.07
N LEU A 128 2.15 -17.54 -1.30
CA LEU A 128 3.14 -16.47 -1.19
C LEU A 128 3.70 -16.44 0.22
N VAL A 129 4.99 -16.15 0.34
CA VAL A 129 5.71 -16.23 1.61
C VAL A 129 6.57 -14.99 1.77
N THR A 130 6.47 -14.33 2.93
CA THR A 130 7.24 -13.13 3.23
C THR A 130 7.56 -13.14 4.72
N HIS A 131 8.46 -12.23 5.13
CA HIS A 131 8.79 -12.10 6.54
CA HIS A 131 8.78 -12.13 6.55
C HIS A 131 7.53 -11.78 7.34
N LEU A 132 7.30 -12.50 8.42
CA LEU A 132 6.12 -12.26 9.24
C LEU A 132 6.18 -10.87 9.86
N MET A 133 5.10 -10.11 9.66
CA MET A 133 4.95 -8.78 10.25
C MET A 133 3.84 -8.86 11.29
N GLY A 134 4.19 -8.58 12.55
CA GLY A 134 3.28 -8.88 13.65
C GLY A 134 2.05 -8.01 13.70
N ALA A 135 2.19 -6.72 13.34
CA ALA A 135 1.12 -5.76 13.53
C ALA A 135 1.06 -4.81 12.34
N ASP A 136 0.10 -3.89 12.37
CA ASP A 136 -0.03 -2.81 11.42
C ASP A 136 -0.25 -1.51 12.17
N LEU A 137 -0.31 -0.40 11.44
CA LEU A 137 -0.41 0.91 12.06
C LEU A 137 -1.78 1.15 12.72
N ASN A 138 -2.78 0.31 12.45
CA ASN A 138 -4.06 0.45 13.14
C ASN A 138 -3.95 -0.05 14.56
N ASN A 139 -3.25 -1.17 14.77
CA ASN A 139 -3.02 -1.68 16.12
C ASN A 139 -1.97 -0.89 16.88
N ILE A 140 -1.40 0.15 16.27
CA ILE A 140 -0.43 1.00 16.93
C ILE A 140 -0.99 2.41 17.18
N VAL A 141 -1.88 2.90 16.32
CA VAL A 141 -2.44 4.24 16.53
C VAL A 141 -3.63 4.20 17.48
N LYS A 142 -4.53 3.23 17.29
CA LYS A 142 -5.68 3.13 18.18
C LYS A 142 -5.29 2.65 19.58
N CYS A 143 -4.21 1.88 19.68
CA CYS A 143 -3.75 1.35 20.96
C CYS A 143 -2.75 2.25 21.67
N GLN A 144 -2.41 3.40 21.08
CA GLN A 144 -1.43 4.31 21.66
C GLN A 144 -1.74 5.73 21.18
N LYS A 145 -0.82 6.65 21.46
CA LYS A 145 -0.87 8.01 20.92
C LYS A 145 0.57 8.39 20.59
N LEU A 146 0.93 8.28 19.31
CA LEU A 146 2.34 8.30 18.93
C LEU A 146 2.99 9.63 19.27
N THR A 147 4.21 9.55 19.81
CA THR A 147 5.01 10.75 20.02
C THR A 147 5.52 11.27 18.68
N ASP A 148 5.88 12.56 18.66
CA ASP A 148 6.32 13.18 17.42
C ASP A 148 7.54 12.48 16.84
N ASP A 149 8.41 11.92 17.69
CA ASP A 149 9.59 11.23 17.19
C ASP A 149 9.23 9.91 16.52
N HIS A 150 8.27 9.18 17.08
CA HIS A 150 7.83 7.95 16.44
C HIS A 150 7.09 8.23 15.13
N VAL A 151 6.38 9.36 15.06
CA VAL A 151 5.72 9.75 13.80
C VAL A 151 6.77 9.99 12.72
N GLN A 152 7.83 10.73 13.07
CA GLN A 152 8.91 10.96 12.12
C GLN A 152 9.42 9.66 11.53
N PHE A 153 9.72 8.69 12.39
CA PHE A 153 10.33 7.45 11.92
C PHE A 153 9.36 6.66 11.05
N LEU A 154 8.11 6.52 11.51
CA LEU A 154 7.14 5.73 10.75
C LEU A 154 6.85 6.36 9.41
N ILE A 155 6.58 7.67 9.38
CA ILE A 155 6.27 8.31 8.11
C ILE A 155 7.50 8.33 7.21
N TYR A 156 8.69 8.53 7.80
CA TYR A 156 9.90 8.51 6.98
C TYR A 156 10.02 7.18 6.23
N GLN A 157 9.73 6.07 6.91
CA GLN A 157 9.83 4.76 6.27
C GLN A 157 8.79 4.61 5.16
N ILE A 158 7.59 5.16 5.37
CA ILE A 158 6.58 5.11 4.33
C ILE A 158 7.05 5.84 3.09
N LEU A 159 7.50 7.08 3.26
CA LEU A 159 7.97 7.87 2.13
C LEU A 159 9.17 7.21 1.45
N ARG A 160 10.00 6.51 2.22
CA ARG A 160 11.17 5.86 1.64
C ARG A 160 10.77 4.69 0.75
N GLY A 161 9.78 3.90 1.19
CA GLY A 161 9.25 2.85 0.34
C GLY A 161 8.45 3.41 -0.82
N LEU A 162 7.76 4.54 -0.61
N LEU A 162 7.77 4.53 -0.60
CA LEU A 162 6.96 5.11 -1.69
CA LEU A 162 6.97 5.13 -1.66
C LEU A 162 7.84 5.71 -2.77
C LEU A 162 7.85 5.68 -2.77
N LYS A 163 9.01 6.24 -2.41
CA LYS A 163 9.95 6.69 -3.42
C LYS A 163 10.37 5.53 -4.30
N TYR A 164 10.71 4.40 -3.68
CA TYR A 164 11.09 3.20 -4.41
C TYR A 164 9.95 2.74 -5.31
N ILE A 165 8.74 2.65 -4.76
CA ILE A 165 7.59 2.19 -5.54
C ILE A 165 7.33 3.13 -6.70
N HIS A 166 7.29 4.44 -6.42
CA HIS A 166 6.97 5.41 -7.46
C HIS A 166 8.06 5.45 -8.52
N SER A 167 9.31 5.20 -8.14
CA SER A 167 10.39 5.17 -9.12
C SER A 167 10.20 4.05 -10.15
N ALA A 168 9.40 3.04 -9.83
CA ALA A 168 9.08 1.96 -10.76
C ALA A 168 7.84 2.26 -11.59
N ASP A 169 7.33 3.49 -11.53
CA ASP A 169 6.08 3.87 -12.20
C ASP A 169 4.90 3.07 -11.67
N ILE A 170 4.92 2.76 -10.38
CA ILE A 170 3.85 2.02 -9.72
C ILE A 170 3.13 2.98 -8.78
N ILE A 171 1.80 2.91 -8.77
CA ILE A 171 0.96 3.64 -7.83
C ILE A 171 0.33 2.63 -6.88
N HIS A 172 0.47 2.87 -5.58
CA HIS A 172 -0.19 2.02 -4.59
C HIS A 172 -1.70 2.13 -4.70
N ARG A 173 -2.23 3.35 -4.65
CA ARG A 173 -3.65 3.66 -4.84
C ARG A 173 -4.51 3.36 -3.60
N ASP A 174 -4.00 2.56 -2.67
CA ASP A 174 -4.81 2.13 -1.53
C ASP A 174 -4.00 2.16 -0.25
N LEU A 175 -3.22 3.23 -0.05
CA LEU A 175 -2.46 3.36 1.18
C LEU A 175 -3.40 3.69 2.33
N LYS A 176 -3.22 3.02 3.45
CA LYS A 176 -4.04 3.22 4.63
C LYS A 176 -3.38 2.47 5.80
N PRO A 177 -3.73 2.82 7.04
CA PRO A 177 -3.03 2.23 8.18
C PRO A 177 -2.94 0.71 8.15
N SER A 178 -4.02 0.01 7.77
CA SER A 178 -4.02 -1.44 7.76
C SER A 178 -3.15 -2.03 6.66
N ASN A 179 -2.64 -1.21 5.74
CA ASN A 179 -1.75 -1.69 4.68
C ASN A 179 -0.29 -1.37 4.98
N LEU A 180 0.03 -0.99 6.23
CA LEU A 180 1.39 -0.66 6.63
C LEU A 180 1.75 -1.59 7.78
N ALA A 181 2.53 -2.62 7.48
CA ALA A 181 2.90 -3.61 8.48
C ALA A 181 4.07 -3.09 9.31
N VAL A 182 4.02 -3.37 10.60
CA VAL A 182 5.01 -2.88 11.56
C VAL A 182 5.32 -4.00 12.54
N ASN A 183 6.59 -4.11 12.92
CA ASN A 183 7.01 -5.06 13.94
C ASN A 183 7.42 -4.30 15.20
N GLU A 184 7.94 -5.03 16.19
CA GLU A 184 8.24 -4.43 17.48
C GLU A 184 9.39 -3.43 17.39
N ASP A 185 10.30 -3.62 16.44
CA ASP A 185 11.37 -2.65 16.23
C ASP A 185 10.88 -1.36 15.61
N CYS A 186 9.58 -1.23 15.34
CA CYS A 186 9.00 -0.09 14.63
C CYS A 186 9.48 0.00 13.19
N GLU A 187 10.01 -1.11 12.66
CA GLU A 187 10.32 -1.18 11.23
C GLU A 187 9.02 -1.40 10.46
N LEU A 188 8.87 -0.65 9.36
CA LEU A 188 7.61 -0.56 8.64
C LEU A 188 7.78 -1.03 7.20
N LYS A 189 6.74 -1.67 6.68
CA LYS A 189 6.73 -2.11 5.29
C LYS A 189 5.36 -1.85 4.68
N ILE A 190 5.36 -1.34 3.44
CA ILE A 190 4.13 -1.18 2.67
C ILE A 190 3.74 -2.53 2.07
N LEU A 191 2.45 -2.83 2.07
CA LEU A 191 1.93 -4.01 1.41
C LEU A 191 0.71 -3.69 0.57
N ASP A 192 0.27 -4.68 -0.22
CA ASP A 192 -0.93 -4.61 -1.06
C ASP A 192 -0.85 -3.51 -2.12
N PHE A 193 0.37 -3.09 -2.45
CA PHE A 193 0.51 -2.04 -3.45
CA PHE A 193 0.64 -2.09 -3.48
C PHE A 193 0.21 -2.59 -4.85
N THR A 209 -16.55 3.83 2.07
CA THR A 209 -15.82 5.09 2.05
C THR A 209 -14.36 4.89 2.43
N ARG A 210 -13.46 5.57 1.73
CA ARG A 210 -12.03 5.50 2.01
C ARG A 210 -11.58 6.83 2.60
N TRP A 211 -11.30 6.84 3.89
CA TRP A 211 -10.88 8.03 4.60
C TRP A 211 -9.51 8.52 4.16
N TYR A 212 -8.75 7.72 3.40
CA TYR A 212 -7.40 8.05 3.01
C TYR A 212 -7.23 8.25 1.52
N ARG A 213 -8.33 8.29 0.75
CA ARG A 213 -8.27 8.40 -0.69
C ARG A 213 -8.18 9.86 -1.10
N ALA A 214 -7.42 10.12 -2.17
CA ALA A 214 -7.25 11.48 -2.64
C ALA A 214 -8.57 12.00 -3.22
N PRO A 215 -8.82 13.30 -3.11
CA PRO A 215 -10.11 13.83 -3.60
C PRO A 215 -10.31 13.65 -5.09
N GLU A 216 -9.24 13.72 -5.89
CA GLU A 216 -9.40 13.53 -7.32
C GLU A 216 -9.99 12.17 -7.64
N ILE A 217 -9.77 11.17 -6.77
CA ILE A 217 -10.36 9.86 -6.98
C ILE A 217 -11.82 9.85 -6.49
N MET A 218 -12.09 10.48 -5.34
CA MET A 218 -13.47 10.70 -4.93
C MET A 218 -14.28 11.30 -6.07
N LEU A 219 -13.65 12.11 -6.91
CA LEU A 219 -14.30 12.74 -8.04
C LEU A 219 -14.15 11.95 -9.34
N ASN A 220 -13.41 10.84 -9.32
CA ASN A 220 -13.33 9.92 -10.46
C ASN A 220 -12.53 10.52 -11.62
N TRP A 221 -11.49 11.27 -11.30
CA TRP A 221 -10.58 11.72 -12.34
C TRP A 221 -9.78 10.53 -12.88
N MET A 222 -9.83 10.34 -14.20
CA MET A 222 -9.24 9.16 -14.81
C MET A 222 -7.72 9.24 -14.94
N HIS A 223 -7.13 10.41 -14.72
CA HIS A 223 -5.70 10.61 -14.97
C HIS A 223 -4.96 11.02 -13.70
N TYR A 224 -5.40 10.53 -12.55
CA TYR A 224 -4.69 10.81 -11.31
C TYR A 224 -3.28 10.21 -11.38
N ASN A 225 -2.33 10.88 -10.73
CA ASN A 225 -0.94 10.49 -10.78
C ASN A 225 -0.52 9.89 -9.44
N GLN A 226 0.78 9.64 -9.30
CA GLN A 226 1.29 8.98 -8.10
CA GLN A 226 1.32 9.00 -8.10
C GLN A 226 1.10 9.82 -6.84
N THR A 227 0.80 11.11 -6.97
CA THR A 227 0.62 11.96 -5.80
C THR A 227 -0.65 11.63 -5.03
N VAL A 228 -1.51 10.76 -5.56
CA VAL A 228 -2.63 10.27 -4.76
C VAL A 228 -2.10 9.57 -3.52
N ASP A 229 -0.95 8.88 -3.64
CA ASP A 229 -0.37 8.20 -2.50
C ASP A 229 0.11 9.18 -1.45
N ILE A 230 0.65 10.31 -1.89
CA ILE A 230 1.10 11.33 -0.94
C ILE A 230 -0.08 11.85 -0.13
N TRP A 231 -1.22 12.04 -0.78
CA TRP A 231 -2.41 12.46 -0.05
C TRP A 231 -2.75 11.46 1.06
N SER A 232 -2.65 10.17 0.75
CA SER A 232 -2.92 9.16 1.76
C SER A 232 -1.93 9.26 2.91
N VAL A 233 -0.64 9.44 2.60
CA VAL A 233 0.36 9.60 3.65
C VAL A 233 0.01 10.78 4.53
N GLY A 234 -0.39 11.90 3.92
CA GLY A 234 -0.79 13.06 4.70
C GLY A 234 -1.91 12.75 5.66
N CYS A 235 -2.93 12.02 5.21
CA CYS A 235 -4.01 11.63 6.10
C CYS A 235 -3.53 10.67 7.18
N ILE A 236 -2.56 9.82 6.86
CA ILE A 236 -2.02 8.90 7.85
C ILE A 236 -1.21 9.66 8.90
N MET A 237 -0.32 10.56 8.45
CA MET A 237 0.48 11.34 9.39
C MET A 237 -0.41 12.14 10.33
N ALA A 238 -1.44 12.80 9.78
CA ALA A 238 -2.35 13.58 10.60
C ALA A 238 -2.97 12.72 11.69
N GLU A 239 -3.38 11.50 11.35
CA GLU A 239 -4.00 10.62 12.32
C GLU A 239 -3.03 10.24 13.42
N LEU A 240 -1.77 9.95 13.06
CA LEU A 240 -0.78 9.57 14.06
C LEU A 240 -0.50 10.72 15.04
N LEU A 241 -0.62 11.96 14.56
CA LEU A 241 -0.30 13.11 15.41
C LEU A 241 -1.46 13.49 16.30
N THR A 242 -2.70 13.31 15.85
CA THR A 242 -3.87 13.70 16.62
C THR A 242 -4.61 12.53 17.25
N GLY A 243 -4.43 11.31 16.74
CA GLY A 243 -5.21 10.19 17.19
C GLY A 243 -6.62 10.13 16.65
N ARG A 244 -6.94 10.96 15.67
CA ARG A 244 -8.27 11.02 15.09
C ARG A 244 -8.17 10.92 13.57
N THR A 245 -9.09 10.17 12.97
CA THR A 245 -9.21 10.16 11.52
C THR A 245 -9.40 11.59 11.03
N LEU A 246 -8.61 11.99 10.03
CA LEU A 246 -8.69 13.36 9.55
C LEU A 246 -9.99 13.62 8.80
N PHE A 247 -10.42 12.65 7.96
CA PHE A 247 -11.63 12.78 7.17
C PHE A 247 -12.43 11.49 7.28
N PRO A 248 -13.22 11.34 8.34
CA PRO A 248 -14.03 10.11 8.51
C PRO A 248 -15.36 10.19 7.76
N GLY A 249 -15.28 10.36 6.46
CA GLY A 249 -16.49 10.47 5.65
C GLY A 249 -17.34 9.23 5.73
N THR A 250 -18.63 9.42 5.48
CA THR A 250 -19.60 8.32 5.47
C THR A 250 -19.99 7.89 4.06
N ASP A 251 -19.61 8.65 3.05
CA ASP A 251 -19.79 8.26 1.65
C ASP A 251 -18.90 9.16 0.80
N HIS A 252 -18.99 8.99 -0.51
CA HIS A 252 -18.09 9.74 -1.40
C HIS A 252 -18.39 11.24 -1.36
N ILE A 253 -19.67 11.61 -1.26
CA ILE A 253 -20.03 13.02 -1.16
C ILE A 253 -19.55 13.57 0.19
N ASP A 254 -19.92 12.90 1.29
CA ASP A 254 -19.50 13.36 2.61
C ASP A 254 -17.98 13.43 2.72
N GLN A 255 -17.29 12.48 2.09
CA GLN A 255 -15.83 12.50 2.13
C GLN A 255 -15.28 13.77 1.52
N LEU A 256 -15.88 14.23 0.42
CA LEU A 256 -15.36 15.42 -0.25
C LEU A 256 -15.63 16.67 0.57
N LYS A 257 -16.83 16.80 1.14
CA LYS A 257 -17.12 17.98 1.96
C LYS A 257 -16.14 18.09 3.11
N LEU A 258 -15.82 16.97 3.77
CA LEU A 258 -14.87 17.01 4.87
C LEU A 258 -13.50 17.46 4.37
N ILE A 259 -13.07 16.98 3.20
CA ILE A 259 -11.79 17.42 2.64
C ILE A 259 -11.82 18.92 2.36
N LEU A 260 -12.86 19.38 1.66
CA LEU A 260 -12.90 20.78 1.25
C LEU A 260 -13.07 21.71 2.45
N ARG A 261 -13.66 21.23 3.54
CA ARG A 261 -13.77 22.04 4.74
C ARG A 261 -12.39 22.42 5.27
N LEU A 262 -11.41 21.50 5.15
CA LEU A 262 -10.06 21.76 5.64
C LEU A 262 -9.21 22.49 4.62
N VAL A 263 -9.15 21.98 3.38
CA VAL A 263 -8.27 22.55 2.36
C VAL A 263 -8.96 23.61 1.51
N GLY A 264 -10.22 23.92 1.77
CA GLY A 264 -10.93 24.91 0.99
C GLY A 264 -11.35 24.39 -0.37
N THR A 265 -12.33 25.07 -0.96
CA THR A 265 -12.84 24.67 -2.25
C THR A 265 -11.81 24.99 -3.34
N PRO A 266 -11.87 24.28 -4.47
CA PRO A 266 -10.86 24.48 -5.51
C PRO A 266 -10.81 25.94 -5.98
N GLY A 267 -9.60 26.41 -6.22
CA GLY A 267 -9.38 27.75 -6.73
C GLY A 267 -9.59 27.82 -8.23
N ALA A 268 -9.30 29.00 -8.79
CA ALA A 268 -9.51 29.21 -10.22
C ALA A 268 -8.59 28.34 -11.05
N GLU A 269 -7.33 28.19 -10.62
CA GLU A 269 -6.38 27.39 -11.39
C GLU A 269 -6.76 25.92 -11.38
N LEU A 270 -7.33 25.42 -10.28
CA LEU A 270 -7.71 24.02 -10.21
C LEU A 270 -8.98 23.75 -11.01
N LEU A 271 -9.99 24.60 -10.87
CA LEU A 271 -11.21 24.45 -11.65
C LEU A 271 -10.91 24.40 -13.14
N LYS A 272 -9.91 25.18 -13.57
CA LYS A 272 -9.53 25.20 -14.98
C LYS A 272 -9.03 23.86 -15.49
N LYS A 273 -8.74 22.90 -14.60
CA LYS A 273 -8.22 21.61 -15.01
C LYS A 273 -9.27 20.50 -14.96
N ILE A 274 -10.52 20.83 -14.65
CA ILE A 274 -11.59 19.84 -14.56
C ILE A 274 -12.36 19.85 -15.88
N SER A 275 -12.37 18.70 -16.56
CA SER A 275 -13.05 18.56 -17.83
C SER A 275 -14.51 18.13 -17.65
N SER A 276 -14.76 17.11 -16.83
CA SER A 276 -16.14 16.69 -16.49
C SER A 276 -16.98 17.93 -16.14
N GLU A 277 -18.00 18.23 -16.94
CA GLU A 277 -18.91 19.35 -16.65
C GLU A 277 -19.72 19.07 -15.39
N SER A 278 -20.15 17.82 -15.19
CA SER A 278 -20.92 17.49 -14.00
C SER A 278 -20.12 17.75 -12.74
N ALA A 279 -18.91 17.18 -12.65
CA ALA A 279 -18.08 17.40 -11.48
C ALA A 279 -17.83 18.88 -11.24
N ARG A 280 -17.52 19.63 -12.31
CA ARG A 280 -17.25 21.05 -12.16
C ARG A 280 -18.50 21.79 -11.68
N ASN A 281 -19.65 21.51 -12.29
CA ASN A 281 -20.89 22.17 -11.88
C ASN A 281 -21.16 21.92 -10.41
N TYR A 282 -21.07 20.67 -9.96
CA TYR A 282 -21.20 20.36 -8.54
C TYR A 282 -20.26 21.23 -7.72
N ILE A 283 -18.95 21.05 -7.91
CA ILE A 283 -17.95 21.77 -7.13
C ILE A 283 -18.29 23.26 -7.05
N GLN A 284 -18.47 23.89 -8.21
CA GLN A 284 -18.72 25.32 -8.22
C GLN A 284 -20.06 25.70 -7.58
N SER A 285 -20.97 24.74 -7.42
CA SER A 285 -22.28 25.01 -6.84
C SER A 285 -22.31 24.80 -5.32
N LEU A 286 -21.18 24.41 -4.71
CA LEU A 286 -21.14 24.24 -3.27
C LEU A 286 -20.88 25.58 -2.59
N THR A 287 -21.40 25.70 -1.37
CA THR A 287 -21.11 26.86 -0.55
C THR A 287 -19.59 26.98 -0.39
N GLN A 288 -18.99 27.94 -1.11
CA GLN A 288 -17.52 28.13 -1.11
C GLN A 288 -16.97 28.13 0.31
N MET A 289 -15.81 27.52 0.52
CA MET A 289 -15.17 27.42 1.83
C MET A 289 -13.69 27.74 1.70
N PRO A 290 -13.12 28.46 2.67
CA PRO A 290 -11.71 28.84 2.59
C PRO A 290 -10.78 27.78 3.15
N LYS A 291 -9.53 27.83 2.69
CA LYS A 291 -8.50 26.97 3.23
C LYS A 291 -8.23 27.35 4.68
N MET A 292 -8.29 26.37 5.57
CA MET A 292 -8.09 26.64 6.99
C MET A 292 -6.61 26.74 7.31
N ASN A 293 -6.32 27.33 8.47
CA ASN A 293 -4.95 27.47 8.96
C ASN A 293 -4.53 26.15 9.60
N PHE A 294 -3.67 25.40 8.92
CA PHE A 294 -3.23 24.12 9.46
C PHE A 294 -2.57 24.28 10.83
N ALA A 295 -1.86 25.40 11.05
CA ALA A 295 -1.26 25.64 12.35
C ALA A 295 -2.31 25.73 13.46
N ASN A 296 -3.56 26.02 13.11
CA ASN A 296 -4.64 26.06 14.09
C ASN A 296 -5.36 24.71 14.19
N VAL A 297 -5.54 24.01 13.07
CA VAL A 297 -6.21 22.72 13.13
C VAL A 297 -5.37 21.71 13.89
N PHE A 298 -4.05 21.77 13.73
CA PHE A 298 -3.15 20.83 14.40
C PHE A 298 -2.39 21.52 15.52
N ILE A 299 -3.11 22.29 16.35
CA ILE A 299 -2.46 23.02 17.43
C ILE A 299 -1.60 22.07 18.26
N GLY A 300 -0.44 22.58 18.69
CA GLY A 300 0.47 21.85 19.54
C GLY A 300 1.47 20.97 18.80
N ALA A 301 1.12 20.52 17.60
CA ALA A 301 2.01 19.65 16.86
C ALA A 301 3.33 20.36 16.56
N ASN A 302 4.30 19.58 16.09
CA ASN A 302 5.59 20.15 15.68
C ASN A 302 5.38 21.05 14.46
N PRO A 303 5.86 22.29 14.50
CA PRO A 303 5.68 23.17 13.32
C PRO A 303 6.26 22.58 12.05
N LEU A 304 7.33 21.79 12.15
CA LEU A 304 7.87 21.14 10.95
C LEU A 304 6.89 20.10 10.42
N ALA A 305 6.23 19.37 11.31
CA ALA A 305 5.23 18.39 10.86
C ALA A 305 4.04 19.10 10.21
N VAL A 306 3.64 20.25 10.75
CA VAL A 306 2.51 20.98 10.18
C VAL A 306 2.85 21.47 8.77
N ASP A 307 4.06 22.02 8.59
CA ASP A 307 4.48 22.47 7.27
C ASP A 307 4.46 21.32 6.27
N LEU A 308 4.89 20.13 6.70
CA LEU A 308 4.87 18.98 5.80
C LEU A 308 3.45 18.59 5.43
N LEU A 309 2.54 18.59 6.41
CA LEU A 309 1.13 18.27 6.13
C LEU A 309 0.56 19.24 5.09
N GLU A 310 0.91 20.52 5.20
CA GLU A 310 0.38 21.52 4.27
C GLU A 310 0.86 21.24 2.85
N LYS A 311 2.06 20.68 2.72
CA LYS A 311 2.61 20.37 1.40
C LYS A 311 2.12 19.03 0.87
N MET A 312 1.54 18.20 1.74
CA MET A 312 1.06 16.88 1.40
C MET A 312 -0.43 16.89 1.07
N LEU A 313 -1.21 17.67 1.80
CA LEU A 313 -2.65 17.73 1.66
C LEU A 313 -3.09 18.92 0.83
N VAL A 314 -2.52 19.02 -0.37
CA VAL A 314 -2.84 20.08 -1.32
C VAL A 314 -3.85 19.54 -2.32
N LEU A 315 -4.96 20.27 -2.50
CA LEU A 315 -6.02 19.78 -3.36
C LEU A 315 -5.52 19.57 -4.79
N ASP A 316 -4.84 20.56 -5.36
CA ASP A 316 -4.27 20.42 -6.70
C ASP A 316 -3.14 19.41 -6.67
N SER A 317 -3.30 18.33 -7.45
CA SER A 317 -2.32 17.25 -7.39
C SER A 317 -1.01 17.62 -8.07
N ASP A 318 -1.06 18.55 -9.03
CA ASP A 318 0.17 19.02 -9.66
C ASP A 318 1.11 19.71 -8.68
N LYS A 319 0.60 20.11 -7.51
CA LYS A 319 1.37 20.88 -6.55
C LYS A 319 1.71 20.10 -5.29
N ARG A 320 1.20 18.89 -5.14
CA ARG A 320 1.55 18.07 -3.99
C ARG A 320 3.04 17.78 -3.99
N ILE A 321 3.61 17.70 -2.78
CA ILE A 321 5.00 17.29 -2.65
C ILE A 321 5.13 15.83 -3.07
N THR A 322 6.22 15.49 -3.73
CA THR A 322 6.51 14.11 -4.08
C THR A 322 7.20 13.41 -2.91
N ALA A 323 7.22 12.08 -2.97
CA ALA A 323 7.88 11.30 -1.92
C ALA A 323 9.36 11.66 -1.81
N ALA A 324 10.05 11.72 -2.96
CA ALA A 324 11.45 12.08 -2.94
C ALA A 324 11.66 13.46 -2.33
N GLN A 325 10.78 14.41 -2.65
CA GLN A 325 10.91 15.75 -2.08
C GLN A 325 10.61 15.74 -0.59
N ALA A 326 9.61 14.97 -0.17
CA ALA A 326 9.25 14.92 1.25
C ALA A 326 10.40 14.36 2.08
N LEU A 327 11.12 13.38 1.53
CA LEU A 327 12.23 12.79 2.28
C LEU A 327 13.28 13.82 2.64
N ALA A 328 13.41 14.88 1.85
CA ALA A 328 14.36 15.94 2.11
C ALA A 328 13.79 17.03 3.02
N HIS A 329 12.49 16.98 3.34
CA HIS A 329 11.90 17.98 4.20
C HIS A 329 12.57 17.97 5.57
N ALA A 330 12.71 19.15 6.17
CA ALA A 330 13.45 19.28 7.42
C ALA A 330 12.88 18.38 8.51
N TYR A 331 11.58 18.09 8.47
CA TYR A 331 10.96 17.25 9.48
C TYR A 331 11.70 15.93 9.66
N PHE A 332 12.32 15.43 8.61
CA PHE A 332 13.03 14.15 8.65
C PHE A 332 14.54 14.32 8.70
N ALA A 333 15.03 15.50 9.10
CA ALA A 333 16.47 15.75 9.08
C ALA A 333 17.24 14.71 9.90
N GLN A 334 16.61 14.14 10.92
CA GLN A 334 17.28 13.15 11.75
C GLN A 334 17.46 11.80 11.05
N TYR A 335 16.63 11.50 10.05
CA TYR A 335 16.68 10.22 9.37
C TYR A 335 17.09 10.30 7.91
N HIS A 336 16.93 11.44 7.26
CA HIS A 336 17.16 11.55 5.82
C HIS A 336 18.61 11.28 5.48
N ASP A 337 18.84 10.24 4.67
CA ASP A 337 20.16 9.94 4.12
C ASP A 337 20.01 9.82 2.60
N PRO A 338 20.47 10.80 1.83
CA PRO A 338 20.23 10.74 0.37
C PRO A 338 20.90 9.56 -0.31
N ASP A 339 22.02 9.07 0.22
CA ASP A 339 22.70 7.92 -0.35
C ASP A 339 22.14 6.60 0.16
N ASP A 340 21.00 6.62 0.86
CA ASP A 340 20.40 5.42 1.42
C ASP A 340 18.89 5.42 1.21
N GLU A 341 18.42 6.02 0.12
CA GLU A 341 17.01 6.03 -0.25
C GLU A 341 16.90 5.60 -1.71
N PRO A 342 17.09 4.32 -1.99
CA PRO A 342 17.28 3.87 -3.37
C PRO A 342 16.00 3.84 -4.17
N VAL A 343 16.17 3.79 -5.49
CA VAL A 343 15.07 3.67 -6.42
C VAL A 343 15.02 2.25 -6.97
N ALA A 344 13.95 1.93 -7.68
CA ALA A 344 13.70 0.58 -8.16
C ALA A 344 14.23 0.40 -9.58
N ASP A 345 14.55 -0.85 -9.91
CA ASP A 345 14.81 -1.21 -11.29
C ASP A 345 13.53 -1.01 -12.11
N PRO A 346 13.65 -0.96 -13.44
CA PRO A 346 12.46 -0.80 -14.27
C PRO A 346 11.50 -1.96 -14.09
N TYR A 347 10.20 -1.66 -14.14
CA TYR A 347 9.14 -2.66 -13.96
C TYR A 347 8.28 -2.68 -15.22
N ASP A 348 8.23 -3.85 -15.87
CA ASP A 348 7.49 -4.02 -17.11
C ASP A 348 6.00 -4.18 -16.80
N GLN A 349 5.23 -3.11 -16.99
CA GLN A 349 3.79 -3.14 -16.77
C GLN A 349 3.00 -3.34 -18.05
N SER A 350 3.67 -3.67 -19.16
CA SER A 350 2.98 -3.82 -20.43
C SER A 350 1.85 -4.84 -20.36
N PHE A 351 1.93 -5.80 -19.42
CA PHE A 351 0.89 -6.82 -19.35
C PHE A 351 -0.46 -6.25 -18.98
N GLU A 352 -0.49 -5.09 -18.31
CA GLU A 352 -1.75 -4.57 -17.78
C GLU A 352 -2.75 -4.24 -18.87
N SER A 353 -2.30 -4.01 -20.10
CA SER A 353 -3.19 -3.70 -21.21
C SER A 353 -3.49 -4.90 -22.09
N ARG A 354 -2.98 -6.09 -21.76
CA ARG A 354 -3.22 -7.26 -22.57
C ARG A 354 -4.58 -7.87 -22.24
N ASP A 355 -5.24 -8.37 -23.28
CA ASP A 355 -6.54 -9.03 -23.16
C ASP A 355 -6.33 -10.51 -23.46
N LEU A 356 -6.17 -11.30 -22.41
CA LEU A 356 -5.79 -12.70 -22.53
C LEU A 356 -6.87 -13.61 -21.94
N LEU A 357 -6.79 -14.89 -22.30
CA LEU A 357 -7.69 -15.89 -21.75
C LEU A 357 -7.21 -16.31 -20.36
N ILE A 358 -8.07 -17.03 -19.64
CA ILE A 358 -7.71 -17.44 -18.28
C ILE A 358 -6.49 -18.35 -18.30
N ASP A 359 -6.45 -19.30 -19.23
CA ASP A 359 -5.34 -20.26 -19.25
C ASP A 359 -4.02 -19.57 -19.58
N GLU A 360 -4.07 -18.45 -20.31
CA GLU A 360 -2.84 -17.71 -20.59
C GLU A 360 -2.36 -16.98 -19.35
N TRP A 361 -3.27 -16.30 -18.64
CA TRP A 361 -2.90 -15.70 -17.37
C TRP A 361 -2.41 -16.77 -16.40
N LYS A 362 -3.06 -17.92 -16.38
CA LYS A 362 -2.62 -19.02 -15.52
C LYS A 362 -1.22 -19.48 -15.89
N SER A 363 -0.99 -19.72 -17.18
CA SER A 363 0.31 -20.19 -17.62
C SER A 363 1.40 -19.15 -17.34
N LEU A 364 1.08 -17.87 -17.54
CA LEU A 364 2.05 -16.82 -17.24
C LEU A 364 2.38 -16.81 -15.75
N THR A 365 1.40 -17.06 -14.90
CA THR A 365 1.66 -17.12 -13.46
C THR A 365 2.53 -18.32 -13.11
N TYR A 366 2.18 -19.50 -13.63
CA TYR A 366 3.02 -20.67 -13.44
C TYR A 366 4.45 -20.38 -13.85
N ASP A 367 4.64 -19.70 -14.99
CA ASP A 367 5.98 -19.31 -15.41
C ASP A 367 6.71 -18.55 -14.31
N GLU A 368 5.99 -17.68 -13.60
CA GLU A 368 6.62 -16.83 -12.60
C GLU A 368 6.92 -17.60 -11.32
N VAL A 369 6.07 -18.55 -10.94
CA VAL A 369 6.37 -19.42 -9.82
C VAL A 369 7.66 -20.19 -10.08
N ILE A 370 7.72 -20.87 -11.23
CA ILE A 370 8.83 -21.77 -11.52
C ILE A 370 10.14 -21.00 -11.63
N SER A 371 10.08 -19.78 -12.19
CA SER A 371 11.28 -19.00 -12.44
C SER A 371 11.72 -18.16 -11.23
N PHE A 372 11.02 -18.26 -10.11
CA PHE A 372 11.38 -17.47 -8.95
C PHE A 372 12.72 -17.93 -8.38
N VAL A 373 13.57 -16.97 -8.06
CA VAL A 373 14.84 -17.22 -7.39
C VAL A 373 14.79 -16.52 -6.04
N PRO A 374 14.98 -17.24 -4.93
CA PRO A 374 14.88 -16.58 -3.62
C PRO A 374 15.96 -15.54 -3.44
N PRO A 375 15.80 -14.64 -2.47
CA PRO A 375 16.85 -13.65 -2.20
C PRO A 375 17.94 -14.25 -1.34
N PRO A 376 19.19 -13.77 -1.46
CA PRO A 376 20.28 -14.37 -0.67
C PRO A 376 20.01 -14.26 0.81
N LEU A 377 20.38 -15.30 1.54
CA LEU A 377 20.20 -15.35 2.99
C LEU A 377 21.16 -14.37 3.67
C1 GG5 B . -11.48 16.25 -11.23
N2 GG5 B . -11.14 16.38 -12.52
C3 GG5 B . -9.89 16.74 -12.77
C4 GG5 B . -8.95 16.99 -11.80
C5 GG5 B . -9.30 16.87 -10.46
C6 GG5 B . -10.61 16.48 -10.18
C7 GG5 B . -8.33 17.12 -9.38
C8 GG5 B . -6.98 16.83 -9.51
N9 GG5 B . -6.40 17.16 -8.36
N11 GG5 B . -7.29 17.66 -7.47
C12 GG5 B . -8.47 17.63 -8.08
C13 GG5 B . -9.68 18.11 -7.40
C14 GG5 B . -9.96 17.70 -6.09
C15 GG5 B . -11.09 18.14 -5.42
C16 GG5 B . -11.93 19.00 -6.08
C17 GG5 B . -11.70 19.43 -7.36
C18 GG5 B . -10.57 18.98 -8.02
F19 GG5 B . -13.04 19.44 -5.44
C9 A1B8B C . -0.03 -10.50 3.28
N2 A1B8B C . -5.04 -5.96 4.68
C10 A1B8B C . 1.01 -11.42 2.76
C16 A1B8B C . 0.00 -9.94 4.58
C15 A1B8B C . 1.36 -12.58 3.46
C14 A1B8B C . 2.31 -13.45 2.97
C17 A1B8B C . 1.05 -10.19 5.60
C22 A1B8B C . 2.39 -9.94 5.34
C21 A1B8B C . 3.33 -10.14 6.34
C23 A1B8B C . -1.01 -9.03 4.87
C25 A1B8B C . -4.64 -6.35 3.33
C24 A1B8B C . -4.21 -7.81 3.29
C19 A1B8B C . 1.72 -10.83 7.80
C18 A1B8B C . 0.73 -10.65 6.87
C13 A1B8B C . 2.93 -13.19 1.76
C11 A1B8B C . 1.63 -11.18 1.53
C12 A1B8B C . 2.58 -12.06 1.04
C6 A1B8B C . -2.05 -8.86 3.97
C4 A1B8B C . -3.50 -7.63 5.60
C3 A1B8B C . -3.92 -6.18 5.59
C1 A1B8B C . -5.45 -4.54 4.70
N20 A1B8B C . 3.02 -10.58 7.57
N5 A1B8B C . -3.13 -8.05 4.24
N7 A1B8B C . -2.02 -9.41 2.76
N8 A1B8B C . -1.01 -10.22 2.42
#